data_6NQ4
#
_entry.id   6NQ4
#
_cell.length_a   122.430
_cell.length_b   60.120
_cell.length_c   86.840
_cell.angle_alpha   90.000
_cell.angle_beta   104.280
_cell.angle_gamma   90.000
#
_symmetry.space_group_name_H-M   'C 1 2 1'
#
loop_
_entity.id
_entity.type
_entity.pdbx_description
1 polymer 'HAD superfamily hydrolase'
2 non-polymer 1,2-ETHANEDIOL
3 non-polymer 'PHOSPHATE ION'
4 non-polymer 'SODIUM ION'
5 water water
#
_entity_poly.entity_id   1
_entity_poly.type   'polypeptide(L)'
_entity_poly.pdbx_seq_one_letter_code
;MAHHHHHHMGTLEAQTQGPGSMMILPERLDDLTDRYDAIFCDVWGVVHNGETSFAPAIAALQRARAKGVTIILVTNSPRP
HPGVVAQMSLLGVPENAYDRVVTSGDVTRDLIAEGPRRIFHIGCERELAIYDGLDVELVEEFEAAGVVCTGLYDDEVETP
EDYRELLQRLRSRNLPFICANPDIMVERGPRLIWCAGALAREYGQLGGRTLIAGKPHRPIYEAALRAVESIRGGSVDKSR
ILGIGDGVLTDVKGAADFGLDVLYISGGVHAADYAVNGDLDMAKMEAFLEKHGHRPIASLHALV
;
_entity_poly.pdbx_strand_id   A,B
#
loop_
_chem_comp.id
_chem_comp.type
_chem_comp.name
_chem_comp.formula
EDO non-polymer 1,2-ETHANEDIOL 'C2 H6 O2'
NA non-polymer 'SODIUM ION' 'Na 1'
PO4 non-polymer 'PHOSPHATE ION' 'O4 P -3'
#
# COMPACT_ATOMS: atom_id res chain seq x y z
N LEU A 25 -8.15 -28.27 23.25
CA LEU A 25 -6.98 -27.42 23.07
C LEU A 25 -6.64 -27.25 21.59
N PRO A 26 -6.61 -26.00 21.13
CA PRO A 26 -6.31 -25.73 19.72
C PRO A 26 -4.84 -25.92 19.43
N GLU A 27 -4.53 -26.74 18.41
CA GLU A 27 -3.15 -26.96 18.00
C GLU A 27 -2.69 -26.00 16.90
N ARG A 28 -3.60 -25.57 16.02
CA ARG A 28 -3.24 -24.65 14.95
C ARG A 28 -4.49 -23.85 14.59
N LEU A 29 -4.29 -22.81 13.77
CA LEU A 29 -5.41 -21.95 13.38
C LEU A 29 -6.51 -22.75 12.68
N ASP A 30 -6.13 -23.78 11.93
CA ASP A 30 -7.10 -24.59 11.19
C ASP A 30 -8.14 -25.24 12.09
N ASP A 31 -7.84 -25.41 13.39
CA ASP A 31 -8.81 -26.01 14.28
C ASP A 31 -9.92 -25.05 14.69
N LEU A 32 -9.83 -23.79 14.27
CA LEU A 32 -10.82 -22.77 14.62
C LEU A 32 -11.59 -22.22 13.43
N THR A 33 -11.04 -22.34 12.22
CA THR A 33 -11.56 -21.56 11.10
C THR A 33 -12.88 -22.06 10.55
N ASP A 34 -13.32 -23.28 10.91
CA ASP A 34 -14.63 -23.73 10.45
C ASP A 34 -15.76 -22.88 11.02
N ARG A 35 -15.50 -22.13 12.09
CA ARG A 35 -16.53 -21.34 12.74
C ARG A 35 -16.48 -19.86 12.38
N TYR A 36 -15.54 -19.43 11.54
CA TYR A 36 -15.38 -18.02 11.20
C TYR A 36 -15.35 -17.80 9.70
N ASP A 37 -15.90 -16.65 9.27
CA ASP A 37 -15.82 -16.21 7.88
C ASP A 37 -14.72 -15.20 7.66
N ALA A 38 -14.19 -14.60 8.70
CA ALA A 38 -13.14 -13.61 8.54
C ALA A 38 -12.26 -13.59 9.77
N ILE A 39 -11.05 -13.07 9.59
CA ILE A 39 -10.06 -12.92 10.64
C ILE A 39 -9.53 -11.50 10.58
N PHE A 40 -9.40 -10.86 11.76
CA PHE A 40 -8.65 -9.61 11.91
C PHE A 40 -7.34 -10.00 12.61
N CYS A 41 -6.23 -9.98 11.89
CA CYS A 41 -4.96 -10.50 12.41
C CYS A 41 -3.94 -9.40 12.61
N ASP A 42 -3.32 -9.39 13.79
CA ASP A 42 -2.21 -8.52 14.13
C ASP A 42 -1.02 -8.77 13.20
N VAL A 43 -0.17 -7.76 13.03
CA VAL A 43 1.02 -7.87 12.18
C VAL A 43 2.32 -8.01 12.98
N TRP A 44 2.77 -6.95 13.65
CA TRP A 44 4.04 -7.04 14.39
C TRP A 44 3.94 -8.04 15.54
N GLY A 45 4.92 -8.94 15.60
CA GLY A 45 4.94 -9.95 16.61
C GLY A 45 4.17 -11.20 16.27
N VAL A 46 3.43 -11.19 15.17
CA VAL A 46 2.58 -12.33 14.81
C VAL A 46 2.92 -12.77 13.39
N VAL A 47 2.96 -11.82 12.44
CA VAL A 47 3.34 -12.11 11.05
C VAL A 47 4.83 -11.84 10.81
N HIS A 48 5.36 -10.77 11.40
CA HIS A 48 6.78 -10.43 11.25
C HIS A 48 7.19 -9.58 12.44
N ASN A 49 8.52 -9.35 12.56
CA ASN A 49 9.05 -8.53 13.65
C ASN A 49 9.80 -7.30 13.15
N GLY A 50 9.50 -6.86 11.94
CA GLY A 50 10.18 -5.72 11.36
C GLY A 50 11.49 -6.05 10.69
N GLU A 51 12.07 -7.22 10.96
CA GLU A 51 13.31 -7.65 10.31
C GLU A 51 13.22 -9.01 9.61
N THR A 52 12.40 -9.94 10.12
CA THR A 52 12.12 -11.18 9.41
CA THR A 52 12.12 -11.18 9.42
C THR A 52 10.64 -11.50 9.57
N SER A 53 10.10 -12.28 8.61
CA SER A 53 8.73 -12.76 8.71
C SER A 53 8.71 -14.19 9.20
N PHE A 54 7.53 -14.63 9.65
CA PHE A 54 7.39 -15.93 10.31
C PHE A 54 6.68 -16.89 9.36
N ALA A 55 7.44 -17.84 8.81
CA ALA A 55 6.86 -18.76 7.84
C ALA A 55 5.63 -19.52 8.34
N PRO A 56 5.56 -20.02 9.58
CA PRO A 56 4.34 -20.73 10.00
C PRO A 56 3.11 -19.86 10.01
N ALA A 57 3.24 -18.58 10.39
CA ALA A 57 2.10 -17.68 10.39
C ALA A 57 1.60 -17.43 8.98
N ILE A 58 2.53 -17.19 8.05
CA ILE A 58 2.15 -16.99 6.66
C ILE A 58 1.39 -18.21 6.15
N ALA A 59 1.90 -19.40 6.45
CA ALA A 59 1.27 -20.62 5.95
C ALA A 59 -0.12 -20.81 6.55
N ALA A 60 -0.29 -20.50 7.83
CA ALA A 60 -1.60 -20.62 8.47
C ALA A 60 -2.61 -19.67 7.83
N LEU A 61 -2.20 -18.42 7.54
CA LEU A 61 -3.10 -17.49 6.89
C LEU A 61 -3.43 -17.93 5.47
N GLN A 62 -2.44 -18.41 4.71
CA GLN A 62 -2.72 -18.93 3.37
C GLN A 62 -3.75 -20.05 3.41
N ARG A 63 -3.59 -20.99 4.35
CA ARG A 63 -4.52 -22.11 4.43
C ARG A 63 -5.93 -21.64 4.74
N ALA A 64 -6.05 -20.65 5.64
CA ALA A 64 -7.37 -20.11 5.94
C ALA A 64 -8.01 -19.48 4.70
N ARG A 65 -7.25 -18.69 3.94
CA ARG A 65 -7.81 -18.07 2.73
C ARG A 65 -8.21 -19.13 1.71
N ALA A 66 -7.45 -20.23 1.65
CA ALA A 66 -7.79 -21.29 0.72
C ALA A 66 -9.10 -21.97 1.07
N LYS A 67 -9.55 -21.83 2.33
CA LYS A 67 -10.83 -22.36 2.77
C LYS A 67 -11.90 -21.27 2.86
N GLY A 68 -11.69 -20.14 2.18
CA GLY A 68 -12.70 -19.11 2.04
C GLY A 68 -12.79 -18.12 3.19
N VAL A 69 -11.80 -18.07 4.07
CA VAL A 69 -11.81 -17.12 5.18
C VAL A 69 -11.13 -15.84 4.71
N THR A 70 -11.80 -14.70 4.87
CA THR A 70 -11.22 -13.42 4.51
C THR A 70 -10.25 -12.96 5.60
N ILE A 71 -9.05 -12.51 5.20
CA ILE A 71 -8.01 -12.09 6.16
C ILE A 71 -7.81 -10.59 6.03
N ILE A 72 -8.08 -9.86 7.09
CA ILE A 72 -7.71 -8.46 7.20
C ILE A 72 -6.56 -8.39 8.19
N LEU A 73 -5.41 -7.88 7.75
CA LEU A 73 -4.34 -7.61 8.70
C LEU A 73 -4.62 -6.24 9.32
N VAL A 74 -4.70 -6.18 10.64
CA VAL A 74 -5.08 -4.97 11.35
C VAL A 74 -3.92 -4.62 12.27
N THR A 75 -3.26 -3.50 12.02
CA THR A 75 -2.01 -3.17 12.69
C THR A 75 -2.03 -1.74 13.19
N ASN A 76 -1.40 -1.50 14.32
CA ASN A 76 -1.26 -0.15 14.84
C ASN A 76 -0.15 0.68 14.16
N SER A 77 0.48 0.19 13.10
CA SER A 77 1.43 1.01 12.37
C SER A 77 0.84 2.38 12.07
N PRO A 78 1.58 3.47 12.28
CA PRO A 78 1.09 4.80 11.90
C PRO A 78 1.19 5.05 10.42
N ARG A 79 1.82 4.15 9.64
CA ARG A 79 1.90 4.38 8.20
C ARG A 79 0.61 3.96 7.53
N PRO A 80 0.20 4.64 6.47
CA PRO A 80 -0.92 4.15 5.66
C PRO A 80 -0.61 2.76 5.12
N HIS A 81 -1.68 2.03 4.83
CA HIS A 81 -1.54 0.64 4.41
C HIS A 81 -0.57 0.37 3.27
N PRO A 82 -0.44 1.23 2.24
CA PRO A 82 0.47 0.84 1.15
C PRO A 82 1.91 0.70 1.60
N GLY A 83 2.33 1.48 2.59
CA GLY A 83 3.70 1.33 3.10
C GLY A 83 3.88 0.06 3.91
N VAL A 84 2.85 -0.32 4.69
CA VAL A 84 2.92 -1.58 5.43
C VAL A 84 2.94 -2.76 4.46
N VAL A 85 2.14 -2.70 3.39
CA VAL A 85 2.17 -3.76 2.37
C VAL A 85 3.57 -3.89 1.77
N ALA A 86 4.16 -2.76 1.37
CA ALA A 86 5.49 -2.81 0.75
C ALA A 86 6.53 -3.39 1.71
N GLN A 87 6.47 -2.98 2.97
CA GLN A 87 7.42 -3.51 3.94
C GLN A 87 7.23 -5.01 4.13
N MET A 88 5.97 -5.48 4.21
CA MET A 88 5.71 -6.91 4.31
C MET A 88 6.29 -7.66 3.12
N SER A 89 6.12 -7.11 1.91
CA SER A 89 6.67 -7.75 0.72
C SER A 89 8.20 -7.87 0.81
N LEU A 90 8.85 -6.79 1.24
CA LEU A 90 10.32 -6.82 1.41
C LEU A 90 10.73 -7.87 2.44
N LEU A 91 9.90 -8.13 3.45
CA LEU A 91 10.17 -9.13 4.47
C LEU A 91 9.72 -10.53 4.06
N GLY A 92 9.20 -10.72 2.85
CA GLY A 92 8.85 -12.05 2.37
C GLY A 92 7.43 -12.50 2.57
N VAL A 93 6.53 -11.61 2.98
CA VAL A 93 5.11 -11.97 3.09
C VAL A 93 4.46 -11.95 1.71
N PRO A 94 3.95 -13.07 1.23
CA PRO A 94 3.30 -13.10 -0.08
C PRO A 94 1.91 -12.48 -0.01
N GLU A 95 1.50 -11.85 -1.12
CA GLU A 95 0.21 -11.17 -1.10
C GLU A 95 -0.96 -12.15 -0.96
N ASN A 96 -0.76 -13.43 -1.30
CA ASN A 96 -1.83 -14.41 -1.15
C ASN A 96 -2.08 -14.82 0.30
N ALA A 97 -1.36 -14.25 1.28
CA ALA A 97 -1.60 -14.54 2.69
C ALA A 97 -2.65 -13.65 3.32
N TYR A 98 -3.13 -12.62 2.62
CA TYR A 98 -4.09 -11.71 3.20
C TYR A 98 -4.93 -11.11 2.09
N ASP A 99 -6.09 -10.55 2.48
CA ASP A 99 -6.94 -9.84 1.53
C ASP A 99 -6.72 -8.34 1.56
N ARG A 100 -6.54 -7.76 2.75
CA ARG A 100 -6.38 -6.32 2.87
C ARG A 100 -5.65 -6.01 4.16
N VAL A 101 -4.98 -4.85 4.19
CA VAL A 101 -4.33 -4.31 5.37
C VAL A 101 -5.07 -3.05 5.79
N VAL A 102 -5.39 -2.95 7.09
CA VAL A 102 -5.96 -1.75 7.68
C VAL A 102 -5.04 -1.32 8.81
N THR A 103 -4.59 -0.07 8.78
CA THR A 103 -3.63 0.41 9.75
C THR A 103 -4.23 1.52 10.62
N SER A 104 -3.61 1.73 11.78
CA SER A 104 -3.96 2.88 12.60
C SER A 104 -3.72 4.18 11.84
N GLY A 105 -2.63 4.25 11.06
CA GLY A 105 -2.41 5.42 10.20
C GLY A 105 -3.59 5.69 9.29
N ASP A 106 -4.16 4.65 8.67
CA ASP A 106 -5.30 4.83 7.77
C ASP A 106 -6.44 5.55 8.49
N VAL A 107 -6.85 5.06 9.66
CA VAL A 107 -7.98 5.67 10.35
C VAL A 107 -7.62 6.97 11.06
N THR A 108 -6.35 7.15 11.42
CA THR A 108 -5.93 8.41 12.02
C THR A 108 -6.07 9.57 11.04
N ARG A 109 -5.98 9.28 9.74
CA ARG A 109 -6.15 10.33 8.74
C ARG A 109 -7.49 11.05 8.90
N ASP A 110 -8.53 10.34 9.33
CA ASP A 110 -9.82 11.00 9.57
C ASP A 110 -9.73 12.00 10.71
N LEU A 111 -9.02 11.67 11.79
CA LEU A 111 -8.78 12.63 12.86
C LEU A 111 -7.97 13.82 12.36
N ILE A 112 -6.94 13.56 11.54
CA ILE A 112 -6.09 14.65 11.07
C ILE A 112 -6.90 15.64 10.26
N ALA A 113 -7.77 15.13 9.40
CA ALA A 113 -8.59 15.99 8.55
C ALA A 113 -9.59 16.82 9.35
N GLU A 114 -10.05 16.29 10.49
CA GLU A 114 -11.02 16.94 11.36
C GLU A 114 -10.41 18.03 12.22
N GLY A 115 -9.13 17.90 12.59
CA GLY A 115 -8.52 18.81 13.52
C GLY A 115 -7.95 20.05 12.87
N PRO A 116 -7.18 20.83 13.63
CA PRO A 116 -6.58 22.05 13.09
C PRO A 116 -5.65 21.73 11.92
N ARG A 117 -5.64 22.61 10.92
CA ARG A 117 -4.87 22.28 9.73
C ARG A 117 -3.39 22.65 9.84
N ARG A 118 -3.01 23.54 10.76
CA ARG A 118 -1.61 23.88 11.00
C ARG A 118 -1.07 22.93 12.05
N ILE A 119 -0.26 21.96 11.62
CA ILE A 119 0.09 20.78 12.40
C ILE A 119 1.59 20.78 12.70
N PHE A 120 1.94 20.46 13.95
CA PHE A 120 3.30 20.14 14.34
C PHE A 120 3.48 18.62 14.35
N HIS A 121 4.38 18.13 13.50
CA HIS A 121 4.62 16.70 13.35
C HIS A 121 5.68 16.22 14.35
N ILE A 122 5.37 15.16 15.07
CA ILE A 122 6.35 14.44 15.89
C ILE A 122 6.44 13.04 15.29
N GLY A 123 7.58 12.73 14.68
CA GLY A 123 7.79 11.45 14.06
C GLY A 123 8.88 11.55 13.01
N CYS A 124 9.17 10.41 12.39
CA CYS A 124 10.26 10.40 11.44
C CYS A 124 9.81 10.92 10.07
N GLU A 125 10.79 11.06 9.16
CA GLU A 125 10.51 11.55 7.81
C GLU A 125 9.59 10.61 7.03
N ARG A 126 9.82 9.30 7.14
CA ARG A 126 8.99 8.37 6.38
C ARG A 126 7.54 8.47 6.79
N GLU A 127 7.30 8.71 8.08
CA GLU A 127 5.94 8.80 8.61
C GLU A 127 5.17 10.02 8.13
N LEU A 128 5.81 10.96 7.42
CA LEU A 128 5.07 12.04 6.76
C LEU A 128 4.10 11.53 5.70
N ALA A 129 4.22 10.27 5.28
CA ALA A 129 3.28 9.70 4.32
C ALA A 129 1.82 9.78 4.80
N ILE A 130 1.59 9.85 6.12
CA ILE A 130 0.23 9.91 6.65
C ILE A 130 -0.51 11.16 6.19
N TYR A 131 0.19 12.23 5.81
CA TYR A 131 -0.46 13.48 5.43
C TYR A 131 -0.78 13.57 3.95
N ASP A 132 -0.34 12.61 3.14
CA ASP A 132 -0.53 12.71 1.71
C ASP A 132 -2.01 12.87 1.36
N GLY A 133 -2.31 13.92 0.59
CA GLY A 133 -3.67 14.17 0.14
C GLY A 133 -4.55 14.89 1.14
N LEU A 134 -4.07 15.15 2.34
CA LEU A 134 -4.86 15.89 3.32
C LEU A 134 -4.59 17.38 3.20
N ASP A 135 -5.60 18.17 3.53
CA ASP A 135 -5.51 19.63 3.37
C ASP A 135 -4.93 20.24 4.65
N VAL A 136 -3.65 19.97 4.87
CA VAL A 136 -2.96 20.37 6.08
C VAL A 136 -1.65 21.05 5.74
N GLU A 137 -1.10 21.76 6.72
CA GLU A 137 0.17 22.46 6.58
C GLU A 137 1.06 22.09 7.75
N LEU A 138 2.21 21.50 7.46
CA LEU A 138 3.15 21.18 8.53
C LEU A 138 3.97 22.41 8.87
N VAL A 139 3.99 22.78 10.15
CA VAL A 139 4.56 24.04 10.59
C VAL A 139 5.51 23.81 11.75
N GLU A 140 6.26 24.85 12.08
CA GLU A 140 7.12 24.82 13.25
C GLU A 140 6.27 24.74 14.52
N GLU A 141 6.91 24.29 15.59
CA GLU A 141 6.25 24.18 16.89
C GLU A 141 5.51 25.48 17.28
N PHE A 142 6.19 26.62 17.16
CA PHE A 142 5.62 27.88 17.62
C PHE A 142 4.39 28.32 16.81
N GLU A 143 4.20 27.75 15.61
CA GLU A 143 3.13 28.10 14.69
C GLU A 143 1.94 27.15 14.78
N ALA A 144 2.06 26.05 15.50
CA ALA A 144 1.12 24.96 15.35
C ALA A 144 -0.16 25.21 16.13
N ALA A 145 -1.27 24.70 15.61
CA ALA A 145 -2.54 24.68 16.31
C ALA A 145 -2.94 23.28 16.74
N GLY A 146 -2.26 22.27 16.24
CA GLY A 146 -2.50 20.90 16.66
C GLY A 146 -1.22 20.11 16.48
N VAL A 147 -1.18 18.94 17.12
CA VAL A 147 -0.02 18.05 17.05
C VAL A 147 -0.47 16.70 16.48
N VAL A 148 0.36 16.13 15.61
CA VAL A 148 0.18 14.74 15.17
C VAL A 148 1.46 14.00 15.48
N CYS A 149 1.34 12.92 16.24
CA CYS A 149 2.50 12.14 16.63
C CYS A 149 2.39 10.76 15.99
N THR A 150 3.28 10.50 15.04
CA THR A 150 3.39 9.18 14.44
C THR A 150 4.44 8.31 15.11
N GLY A 151 5.36 8.90 15.88
CA GLY A 151 6.44 8.15 16.50
C GLY A 151 7.48 9.12 17.04
N LEU A 152 8.64 8.59 17.38
CA LEU A 152 9.74 9.46 17.81
C LEU A 152 10.52 9.91 16.57
N TYR A 153 11.19 11.07 16.69
CA TYR A 153 12.01 11.56 15.57
C TYR A 153 13.10 10.58 15.17
N ASP A 154 13.78 9.99 16.15
CA ASP A 154 14.81 8.99 15.88
C ASP A 154 14.65 7.89 16.94
N ASP A 155 13.85 6.90 16.61
CA ASP A 155 13.45 5.90 17.60
C ASP A 155 14.52 4.86 17.88
N GLU A 156 15.66 4.91 17.19
CA GLU A 156 16.74 3.99 17.54
C GLU A 156 17.62 4.52 18.66
N VAL A 157 17.55 5.81 18.97
CA VAL A 157 18.41 6.38 20.00
C VAL A 157 17.65 7.16 21.06
N GLU A 158 16.43 7.62 20.82
CA GLU A 158 15.71 8.49 21.74
C GLU A 158 14.80 7.68 22.63
N THR A 159 14.42 8.29 23.75
CA THR A 159 13.49 7.70 24.70
C THR A 159 12.42 8.73 25.05
N PRO A 160 11.34 8.31 25.70
CA PRO A 160 10.29 9.29 26.05
C PRO A 160 10.79 10.41 26.94
N GLU A 161 11.80 10.17 27.78
CA GLU A 161 12.36 11.23 28.62
C GLU A 161 12.88 12.40 27.78
N ASP A 162 13.42 12.14 26.58
CA ASP A 162 13.93 13.21 25.74
C ASP A 162 12.83 14.17 25.29
N TYR A 163 11.57 13.76 25.41
CA TYR A 163 10.44 14.55 24.95
C TYR A 163 9.73 15.31 26.06
N ARG A 164 10.20 15.21 27.30
CA ARG A 164 9.47 15.79 28.43
C ARG A 164 9.26 17.28 28.25
N GLU A 165 10.33 18.02 27.93
CA GLU A 165 10.22 19.47 27.82
C GLU A 165 9.30 19.89 26.67
N LEU A 166 9.42 19.23 25.52
CA LEU A 166 8.56 19.52 24.37
C LEU A 166 7.10 19.26 24.71
N LEU A 167 6.80 18.10 25.31
CA LEU A 167 5.41 17.78 25.65
C LEU A 167 4.86 18.78 26.66
N GLN A 168 5.67 19.22 27.62
CA GLN A 168 5.24 20.22 28.57
C GLN A 168 4.86 21.52 27.87
N ARG A 169 5.68 21.94 26.89
CA ARG A 169 5.38 23.18 26.18
C ARG A 169 4.07 23.06 25.41
N LEU A 170 3.86 21.93 24.74
CA LEU A 170 2.66 21.75 23.94
C LEU A 170 1.42 21.70 24.82
N ARG A 171 1.54 21.01 25.96
CA ARG A 171 0.43 20.90 26.89
CA ARG A 171 0.42 20.90 26.89
C ARG A 171 0.05 22.27 27.45
N SER A 172 1.05 23.10 27.76
CA SER A 172 0.77 24.44 28.28
CA SER A 172 0.76 24.44 28.29
C SER A 172 0.06 25.32 27.27
N ARG A 173 0.16 25.00 25.98
CA ARG A 173 -0.56 25.73 24.95
C ARG A 173 -1.88 25.07 24.60
N ASN A 174 -2.28 24.03 25.36
CA ASN A 174 -3.56 23.38 25.19
C ASN A 174 -3.74 22.78 23.79
N LEU A 175 -2.64 22.28 23.19
CA LEU A 175 -2.79 21.77 21.83
C LEU A 175 -3.36 20.35 21.85
N PRO A 176 -4.27 20.03 20.95
CA PRO A 176 -4.73 18.65 20.84
C PRO A 176 -3.64 17.80 20.21
N PHE A 177 -3.57 16.55 20.66
CA PHE A 177 -2.47 15.63 20.32
C PHE A 177 -3.08 14.38 19.68
N ILE A 178 -2.96 14.26 18.36
CA ILE A 178 -3.42 13.05 17.66
C ILE A 178 -2.30 12.02 17.72
N CYS A 179 -2.61 10.83 18.23
CA CYS A 179 -1.65 9.74 18.32
C CYS A 179 -1.96 8.74 17.21
N ALA A 180 -1.03 8.57 16.27
CA ALA A 180 -1.26 7.69 15.13
C ALA A 180 -0.90 6.22 15.40
N ASN A 181 -0.33 5.90 16.56
CA ASN A 181 0.03 4.52 16.90
C ASN A 181 -0.11 4.37 18.40
N PRO A 182 -1.18 3.73 18.88
CA PRO A 182 -1.38 3.54 20.33
C PRO A 182 -0.34 2.67 21.03
N ASP A 183 0.43 1.85 20.31
CA ASP A 183 1.38 0.95 20.98
C ASP A 183 2.38 1.76 21.80
N ILE A 184 2.80 1.21 22.95
CA ILE A 184 3.86 1.84 23.73
C ILE A 184 5.24 1.49 23.18
N MET A 185 5.46 0.20 22.92
CA MET A 185 6.68 -0.27 22.29
C MET A 185 6.31 -1.23 21.18
N VAL A 186 7.28 -1.51 20.32
CA VAL A 186 7.15 -2.51 19.28
C VAL A 186 8.49 -3.23 19.14
N GLU A 187 8.44 -4.47 18.70
CA GLU A 187 9.69 -5.15 18.41
C GLU A 187 10.25 -4.71 17.07
N ARG A 188 11.56 -4.76 16.96
CA ARG A 188 12.26 -4.57 15.69
C ARG A 188 13.41 -5.55 15.72
N GLY A 189 13.19 -6.72 15.13
CA GLY A 189 14.10 -7.83 15.33
C GLY A 189 14.22 -8.07 16.81
N PRO A 190 15.46 -8.10 17.32
CA PRO A 190 15.68 -8.37 18.75
C PRO A 190 15.46 -7.17 19.64
N ARG A 191 15.27 -5.98 19.10
CA ARG A 191 15.18 -4.75 19.89
C ARG A 191 13.72 -4.44 20.24
N LEU A 192 13.55 -3.65 21.31
CA LEU A 192 12.28 -3.00 21.63
C LEU A 192 12.43 -1.51 21.37
N ILE A 193 11.46 -0.95 20.66
CA ILE A 193 11.50 0.43 20.16
C ILE A 193 10.30 1.19 20.71
N TRP A 194 10.53 2.41 21.18
CA TRP A 194 9.43 3.23 21.68
C TRP A 194 8.58 3.73 20.52
N CYS A 195 7.26 3.79 20.75
CA CYS A 195 6.30 4.20 19.73
C CYS A 195 5.55 5.45 20.17
N ALA A 196 4.71 5.94 19.26
CA ALA A 196 3.94 7.16 19.51
C ALA A 196 3.11 7.05 20.78
N GLY A 197 2.58 5.86 21.08
CA GLY A 197 1.73 5.69 22.24
C GLY A 197 2.44 6.02 23.54
N ALA A 198 3.75 5.80 23.59
CA ALA A 198 4.50 6.19 24.79
C ALA A 198 4.44 7.70 24.99
N LEU A 199 4.56 8.47 23.91
CA LEU A 199 4.47 9.92 24.01
C LEU A 199 3.05 10.38 24.30
N ALA A 200 2.06 9.70 23.72
CA ALA A 200 0.66 10.00 24.04
C ALA A 200 0.36 9.74 25.50
N ARG A 201 0.91 8.65 26.06
CA ARG A 201 0.65 8.35 27.46
C ARG A 201 1.23 9.44 28.36
N GLU A 202 2.45 9.90 28.03
CA GLU A 202 3.05 10.98 28.80
C GLU A 202 2.25 12.27 28.66
N TYR A 203 1.75 12.56 27.44
CA TYR A 203 0.97 13.76 27.25
C TYR A 203 -0.31 13.71 28.07
N GLY A 204 -0.99 12.57 28.08
CA GLY A 204 -2.17 12.42 28.91
C GLY A 204 -1.89 12.58 30.39
N GLN A 205 -0.75 12.06 30.84
CA GLN A 205 -0.39 12.17 32.25
CA GLN A 205 -0.42 12.17 32.26
C GLN A 205 -0.14 13.63 32.64
N LEU A 206 0.32 14.45 31.69
CA LEU A 206 0.45 15.88 31.94
C LEU A 206 -0.90 16.60 31.95
N GLY A 207 -1.99 15.91 31.62
CA GLY A 207 -3.29 16.56 31.51
C GLY A 207 -3.66 17.00 30.11
N GLY A 208 -2.89 16.58 29.10
CA GLY A 208 -3.20 16.98 27.72
C GLY A 208 -4.26 16.10 27.08
N ARG A 209 -4.92 16.66 26.07
CA ARG A 209 -5.96 15.93 25.35
C ARG A 209 -5.33 15.12 24.23
N THR A 210 -5.61 13.82 24.20
CA THR A 210 -5.15 12.94 23.13
C THR A 210 -6.33 12.39 22.35
N LEU A 211 -6.09 12.18 21.06
CA LEU A 211 -7.10 11.65 20.14
CA LEU A 211 -7.09 11.64 20.14
C LEU A 211 -6.48 10.44 19.45
N ILE A 212 -7.12 9.29 19.58
CA ILE A 212 -6.57 8.00 19.18
C ILE A 212 -7.64 7.20 18.44
N ALA A 213 -7.24 6.54 17.36
CA ALA A 213 -8.15 5.76 16.54
C ALA A 213 -7.75 4.31 16.35
N GLY A 214 -6.49 3.95 16.64
CA GLY A 214 -6.02 2.59 16.46
C GLY A 214 -6.49 1.66 17.59
N LYS A 215 -6.03 0.40 17.53
CA LYS A 215 -6.43 -0.59 18.53
C LYS A 215 -6.01 -0.11 19.91
N PRO A 216 -6.86 -0.25 20.94
CA PRO A 216 -8.12 -0.99 21.03
C PRO A 216 -9.37 -0.17 20.68
N HIS A 217 -9.19 1.02 20.12
CA HIS A 217 -10.32 1.92 19.90
C HIS A 217 -11.14 1.45 18.69
N ARG A 218 -12.42 1.84 18.70
CA ARG A 218 -13.35 1.31 17.71
CA ARG A 218 -13.35 1.31 17.71
C ARG A 218 -13.06 1.69 16.25
N PRO A 219 -12.54 2.89 15.92
CA PRO A 219 -12.47 3.25 14.49
C PRO A 219 -11.71 2.26 13.63
N ILE A 220 -10.61 1.70 14.12
CA ILE A 220 -9.87 0.76 13.28
C ILE A 220 -10.67 -0.51 13.05
N TYR A 221 -11.45 -0.94 14.05
CA TYR A 221 -12.29 -2.13 13.89
C TYR A 221 -13.41 -1.89 12.91
N GLU A 222 -14.02 -0.69 12.96
CA GLU A 222 -15.06 -0.38 11.98
CA GLU A 222 -15.06 -0.38 11.98
C GLU A 222 -14.50 -0.33 10.57
N ALA A 223 -13.26 0.16 10.41
CA ALA A 223 -12.64 0.16 9.10
C ALA A 223 -12.34 -1.26 8.63
N ALA A 224 -11.87 -2.12 9.52
CA ALA A 224 -11.66 -3.52 9.16
C ALA A 224 -12.99 -4.21 8.82
N LEU A 225 -14.07 -3.90 9.55
CA LEU A 225 -15.37 -4.46 9.22
C LEU A 225 -15.87 -3.97 7.87
N ARG A 226 -15.69 -2.67 7.56
CA ARG A 226 -16.09 -2.21 6.23
C ARG A 226 -15.32 -2.94 5.14
N ALA A 227 -14.04 -3.24 5.40
CA ALA A 227 -13.24 -3.94 4.41
C ALA A 227 -13.75 -5.36 4.18
N VAL A 228 -14.04 -6.11 5.25
CA VAL A 228 -14.59 -7.47 5.10
CA VAL A 228 -14.56 -7.47 5.05
C VAL A 228 -15.92 -7.45 4.37
N GLU A 229 -16.79 -6.50 4.76
CA GLU A 229 -18.13 -6.50 4.19
C GLU A 229 -18.08 -6.16 2.71
N SER A 230 -17.16 -5.30 2.31
CA SER A 230 -17.00 -5.03 0.90
CA SER A 230 -17.00 -5.03 0.90
C SER A 230 -16.45 -6.24 0.16
N ILE A 231 -15.44 -6.90 0.74
CA ILE A 231 -14.84 -8.08 0.11
C ILE A 231 -15.86 -9.21 -0.02
N ARG A 232 -16.65 -9.45 1.02
CA ARG A 232 -17.54 -10.60 1.04
C ARG A 232 -18.90 -10.31 0.44
N GLY A 233 -19.22 -9.05 0.17
CA GLY A 233 -20.42 -8.70 -0.57
C GLY A 233 -21.66 -8.56 0.27
N GLY A 234 -21.53 -8.48 1.58
CA GLY A 234 -22.69 -8.30 2.43
C GLY A 234 -22.27 -8.15 3.87
N SER A 235 -23.26 -8.07 4.75
CA SER A 235 -22.98 -7.92 6.16
C SER A 235 -22.27 -9.16 6.70
N VAL A 236 -21.32 -8.94 7.60
CA VAL A 236 -20.60 -10.02 8.27
C VAL A 236 -20.83 -9.83 9.75
N ASP A 237 -21.53 -10.78 10.36
CA ASP A 237 -21.84 -10.66 11.79
C ASP A 237 -20.60 -10.88 12.64
N LYS A 238 -20.59 -10.23 13.79
CA LYS A 238 -19.40 -10.26 14.63
C LYS A 238 -19.08 -11.64 15.16
N SER A 239 -20.10 -12.49 15.32
CA SER A 239 -19.84 -13.85 15.77
C SER A 239 -19.03 -14.64 14.74
N ARG A 240 -18.93 -14.15 13.51
CA ARG A 240 -18.20 -14.82 12.43
C ARG A 240 -16.80 -14.25 12.18
N ILE A 241 -16.30 -13.37 13.05
CA ILE A 241 -14.99 -12.74 12.87
C ILE A 241 -14.11 -13.10 14.06
N LEU A 242 -12.91 -13.60 13.79
CA LEU A 242 -11.92 -13.92 14.82
C LEU A 242 -10.81 -12.88 14.84
N GLY A 243 -10.58 -12.27 16.01
CA GLY A 243 -9.41 -11.41 16.19
C GLY A 243 -8.22 -12.23 16.67
N ILE A 244 -7.04 -11.94 16.13
CA ILE A 244 -5.80 -12.61 16.53
C ILE A 244 -4.76 -11.55 16.89
N GLY A 245 -4.09 -11.71 18.03
CA GLY A 245 -3.00 -10.77 18.33
C GLY A 245 -2.27 -11.16 19.60
N ASP A 246 -1.14 -10.48 19.81
CA ASP A 246 -0.31 -10.72 20.99
C ASP A 246 -0.32 -9.57 21.99
N GLY A 247 -1.12 -8.52 21.76
CA GLY A 247 -1.22 -7.43 22.70
C GLY A 247 -2.51 -7.51 23.51
N VAL A 248 -2.37 -7.59 24.83
CA VAL A 248 -3.57 -7.67 25.67
C VAL A 248 -4.34 -6.35 25.61
N LEU A 249 -3.65 -5.23 25.73
CA LEU A 249 -4.33 -3.93 25.80
C LEU A 249 -4.64 -3.34 24.42
N THR A 250 -4.20 -3.99 23.34
CA THR A 250 -4.55 -3.57 21.98
C THR A 250 -5.43 -4.62 21.32
N ASP A 251 -4.87 -5.78 20.96
CA ASP A 251 -5.61 -6.79 20.20
C ASP A 251 -6.71 -7.45 21.02
N VAL A 252 -6.41 -7.86 22.26
CA VAL A 252 -7.41 -8.57 23.05
C VAL A 252 -8.52 -7.64 23.48
N LYS A 253 -8.15 -6.52 24.11
CA LYS A 253 -9.14 -5.55 24.53
C LYS A 253 -9.92 -5.01 23.34
N GLY A 254 -9.23 -4.73 22.21
CA GLY A 254 -9.91 -4.17 21.06
C GLY A 254 -10.95 -5.11 20.49
N ALA A 255 -10.58 -6.37 20.28
CA ALA A 255 -11.53 -7.34 19.75
C ALA A 255 -12.70 -7.55 20.70
N ALA A 256 -12.40 -7.71 22.00
CA ALA A 256 -13.45 -7.93 22.99
C ALA A 256 -14.42 -6.75 23.04
N ASP A 257 -13.89 -5.52 23.04
CA ASP A 257 -14.77 -4.34 23.11
C ASP A 257 -15.62 -4.20 21.85
N PHE A 258 -15.14 -4.69 20.70
CA PHE A 258 -15.90 -4.65 19.46
C PHE A 258 -16.85 -5.83 19.35
N GLY A 259 -16.78 -6.78 20.27
CA GLY A 259 -17.67 -7.93 20.24
C GLY A 259 -17.17 -9.13 19.48
N LEU A 260 -15.86 -9.28 19.29
CA LEU A 260 -15.28 -10.39 18.56
C LEU A 260 -14.63 -11.39 19.50
N ASP A 261 -14.72 -12.67 19.13
CA ASP A 261 -13.87 -13.70 19.72
C ASP A 261 -12.41 -13.38 19.44
N VAL A 262 -11.53 -13.81 20.34
CA VAL A 262 -10.13 -13.49 20.18
CA VAL A 262 -10.11 -13.46 20.34
C VAL A 262 -9.28 -14.74 20.40
N LEU A 263 -8.25 -14.83 19.57
CA LEU A 263 -7.19 -15.82 19.70
C LEU A 263 -5.94 -15.07 20.13
N TYR A 264 -5.45 -15.36 21.34
CA TYR A 264 -4.29 -14.69 21.91
C TYR A 264 -3.04 -15.49 21.56
N ILE A 265 -2.02 -14.80 21.06
CA ILE A 265 -0.74 -15.42 20.73
C ILE A 265 0.13 -15.28 21.97
N SER A 266 0.14 -16.33 22.79
CA SER A 266 0.67 -16.25 24.15
C SER A 266 2.20 -16.21 24.19
N GLY A 267 2.87 -16.71 23.16
CA GLY A 267 4.31 -16.68 23.06
C GLY A 267 4.89 -15.43 22.42
N GLY A 268 4.05 -14.45 22.09
CA GLY A 268 4.55 -13.22 21.51
C GLY A 268 5.32 -12.38 22.51
N VAL A 269 5.98 -11.34 21.98
CA VAL A 269 6.69 -10.40 22.83
C VAL A 269 5.71 -9.61 23.68
N HIS A 270 4.50 -9.37 23.18
CA HIS A 270 3.55 -8.49 23.86
C HIS A 270 4.12 -7.08 23.99
N ALA A 271 4.83 -6.62 22.94
CA ALA A 271 5.51 -5.33 22.99
C ALA A 271 4.54 -4.19 23.31
N ALA A 272 3.31 -4.27 22.77
CA ALA A 272 2.34 -3.20 23.02
C ALA A 272 1.93 -3.11 24.48
N ASP A 273 2.18 -4.14 25.28
CA ASP A 273 1.79 -4.18 26.69
C ASP A 273 2.92 -3.72 27.62
N TYR A 274 4.08 -3.36 27.09
CA TYR A 274 5.16 -2.83 27.92
C TYR A 274 4.80 -1.45 28.43
N ALA A 275 5.32 -1.12 29.61
CA ALA A 275 5.08 0.19 30.22
C ALA A 275 6.14 1.19 29.78
N VAL A 276 5.89 2.47 30.08
CA VAL A 276 6.82 3.54 29.72
C VAL A 276 8.13 3.47 30.48
N ASN A 277 8.22 2.67 31.54
CA ASN A 277 9.50 2.40 32.18
C ASN A 277 10.20 1.18 31.60
N GLY A 278 9.65 0.58 30.55
CA GLY A 278 10.27 -0.58 29.93
C GLY A 278 9.96 -1.91 30.58
N ASP A 279 9.06 -1.94 31.56
CA ASP A 279 8.66 -3.17 32.23
C ASP A 279 7.42 -3.78 31.58
N LEU A 280 7.36 -5.11 31.55
CA LEU A 280 6.18 -5.85 31.15
C LEU A 280 5.58 -6.52 32.37
N ASP A 281 4.29 -6.27 32.63
CA ASP A 281 3.58 -6.93 33.72
C ASP A 281 3.16 -8.33 33.27
N MET A 282 3.73 -9.36 33.89
CA MET A 282 3.49 -10.73 33.49
C MET A 282 2.06 -11.20 33.82
N ALA A 283 1.31 -10.44 34.62
CA ALA A 283 -0.06 -10.79 34.98
C ALA A 283 -1.08 -10.17 34.04
N LYS A 284 -0.62 -9.52 32.97
CA LYS A 284 -1.47 -8.74 32.07
C LYS A 284 -2.78 -9.43 31.70
N MET A 285 -2.70 -10.66 31.21
CA MET A 285 -3.84 -11.33 30.60
C MET A 285 -4.91 -11.76 31.60
N ARG A 295 -11.66 -12.37 27.87
CA ARG A 295 -11.07 -13.71 27.94
C ARG A 295 -10.99 -14.36 26.55
N PRO A 296 -9.77 -14.63 26.10
CA PRO A 296 -9.61 -15.22 24.76
C PRO A 296 -10.27 -16.58 24.67
N ILE A 297 -11.04 -16.80 23.59
CA ILE A 297 -11.58 -18.13 23.34
C ILE A 297 -10.45 -19.13 23.22
N ALA A 298 -9.30 -18.70 22.69
CA ALA A 298 -8.22 -19.63 22.46
C ALA A 298 -6.87 -18.93 22.65
N SER A 299 -5.87 -19.75 22.89
CA SER A 299 -4.48 -19.34 23.00
C SER A 299 -3.66 -20.25 22.11
N LEU A 300 -2.70 -19.68 21.40
CA LEU A 300 -1.69 -20.43 20.66
C LEU A 300 -0.35 -19.79 20.97
N HIS A 301 0.67 -20.64 21.16
CA HIS A 301 2.00 -20.12 21.43
C HIS A 301 2.47 -19.19 20.31
N ALA A 302 2.32 -19.63 19.07
CA ALA A 302 2.63 -18.84 17.89
C ALA A 302 1.57 -19.17 16.85
N LEU A 303 1.37 -18.25 15.90
CA LEU A 303 0.40 -18.52 14.85
C LEU A 303 0.96 -19.60 13.92
N VAL A 304 0.35 -20.77 13.94
CA VAL A 304 0.80 -21.91 13.15
C VAL A 304 -0.42 -22.60 12.55
N ILE B 24 -29.88 -6.21 -25.47
CA ILE B 24 -29.09 -6.16 -26.69
C ILE B 24 -27.88 -7.10 -26.61
N LEU B 25 -27.47 -7.59 -27.76
CA LEU B 25 -26.23 -8.37 -27.83
C LEU B 25 -25.07 -7.40 -27.94
N PRO B 26 -24.12 -7.37 -26.99
CA PRO B 26 -23.14 -6.29 -26.97
C PRO B 26 -22.25 -6.27 -28.20
N GLU B 27 -21.93 -5.05 -28.63
CA GLU B 27 -20.98 -4.85 -29.73
C GLU B 27 -19.98 -3.74 -29.45
N ARG B 28 -20.05 -3.08 -28.30
CA ARG B 28 -19.17 -1.97 -27.99
C ARG B 28 -19.20 -1.76 -26.48
N LEU B 29 -18.29 -0.92 -25.98
CA LEU B 29 -18.20 -0.69 -24.55
C LEU B 29 -19.53 -0.20 -23.98
N ASP B 30 -20.23 0.66 -24.73
CA ASP B 30 -21.47 1.22 -24.21
C ASP B 30 -22.55 0.17 -23.97
N ASP B 31 -22.44 -1.00 -24.59
CA ASP B 31 -23.36 -2.10 -24.33
C ASP B 31 -22.99 -2.91 -23.11
N LEU B 32 -21.75 -2.78 -22.64
CA LEU B 32 -21.29 -3.49 -21.46
C LEU B 32 -21.49 -2.69 -20.19
N THR B 33 -21.40 -1.37 -20.29
CA THR B 33 -21.35 -0.53 -19.09
C THR B 33 -22.66 -0.52 -18.30
N ASP B 34 -23.75 -1.06 -18.87
CA ASP B 34 -24.95 -1.30 -18.08
C ASP B 34 -24.65 -2.07 -16.80
N ARG B 35 -23.66 -2.95 -16.83
CA ARG B 35 -23.36 -3.82 -15.68
C ARG B 35 -22.17 -3.34 -14.84
N TYR B 36 -21.58 -2.17 -15.14
CA TYR B 36 -20.37 -1.72 -14.44
C TYR B 36 -20.50 -0.28 -13.98
N ASP B 37 -19.98 0.00 -12.78
CA ASP B 37 -19.94 1.35 -12.24
C ASP B 37 -18.56 2.00 -12.40
N ALA B 38 -17.54 1.21 -12.72
CA ALA B 38 -16.21 1.75 -12.90
C ALA B 38 -15.45 0.88 -13.89
N ILE B 39 -14.41 1.47 -14.48
CA ILE B 39 -13.53 0.82 -15.44
C ILE B 39 -12.10 1.11 -15.02
N PHE B 40 -11.24 0.08 -15.04
CA PHE B 40 -9.79 0.27 -14.98
C PHE B 40 -9.28 -0.02 -16.38
N CYS B 41 -8.76 1.00 -17.06
CA CYS B 41 -8.42 0.90 -18.46
C CYS B 41 -6.93 1.15 -18.69
N ASP B 42 -6.30 0.26 -19.42
CA ASP B 42 -4.92 0.36 -19.89
CA ASP B 42 -4.90 0.48 -19.73
C ASP B 42 -4.72 1.63 -20.73
N VAL B 43 -3.49 2.15 -20.77
CA VAL B 43 -3.17 3.30 -21.61
C VAL B 43 -2.46 2.90 -22.89
N TRP B 44 -1.21 2.44 -22.80
CA TRP B 44 -0.48 2.11 -24.02
C TRP B 44 -1.12 0.93 -24.74
N GLY B 45 -1.35 1.12 -26.03
CA GLY B 45 -1.96 0.09 -26.85
C GLY B 45 -3.47 0.12 -26.87
N VAL B 46 -4.08 0.96 -26.03
CA VAL B 46 -5.55 1.00 -25.92
C VAL B 46 -6.02 2.43 -26.14
N VAL B 47 -5.44 3.37 -25.39
CA VAL B 47 -5.77 4.80 -25.51
C VAL B 47 -4.86 5.50 -26.51
N HIS B 48 -3.58 5.15 -26.54
CA HIS B 48 -2.63 5.76 -27.47
C HIS B 48 -1.49 4.79 -27.69
N ASN B 49 -0.65 5.10 -28.69
CA ASN B 49 0.54 4.32 -28.98
C ASN B 49 1.82 5.14 -28.92
N GLY B 50 1.82 6.23 -28.16
CA GLY B 50 2.99 7.08 -28.05
C GLY B 50 3.22 8.01 -29.23
N GLU B 51 2.43 7.90 -30.27
CA GLU B 51 2.52 8.76 -31.44
C GLU B 51 1.20 9.43 -31.74
N THR B 52 0.11 8.69 -31.63
CA THR B 52 -1.24 9.21 -31.79
CA THR B 52 -1.23 9.22 -31.77
C THR B 52 -2.13 8.56 -30.74
N SER B 53 -3.23 9.24 -30.43
CA SER B 53 -4.26 8.63 -29.62
C SER B 53 -5.29 7.99 -30.53
N PHE B 54 -6.07 7.09 -29.94
CA PHE B 54 -7.06 6.31 -30.69
C PHE B 54 -8.43 6.94 -30.46
N ALA B 55 -8.95 7.60 -31.50
CA ALA B 55 -10.22 8.31 -31.36
C ALA B 55 -11.37 7.44 -30.88
N PRO B 56 -11.58 6.21 -31.37
CA PRO B 56 -12.72 5.42 -30.89
C PRO B 56 -12.62 5.06 -29.43
N ALA B 57 -11.39 4.85 -28.93
CA ALA B 57 -11.21 4.55 -27.51
C ALA B 57 -11.55 5.76 -26.67
N ILE B 58 -11.08 6.94 -27.08
CA ILE B 58 -11.39 8.18 -26.37
C ILE B 58 -12.91 8.39 -26.31
N ALA B 59 -13.58 8.25 -27.47
CA ALA B 59 -15.02 8.45 -27.53
C ALA B 59 -15.75 7.46 -26.64
N ALA B 60 -15.30 6.20 -26.58
CA ALA B 60 -15.95 5.20 -25.75
C ALA B 60 -15.84 5.57 -24.27
N LEU B 61 -14.65 6.02 -23.84
CA LEU B 61 -14.46 6.39 -22.45
C LEU B 61 -15.26 7.64 -22.11
N GLN B 62 -15.28 8.63 -23.02
CA GLN B 62 -16.09 9.83 -22.80
C GLN B 62 -17.55 9.48 -22.62
N ARG B 63 -18.08 8.56 -23.46
CA ARG B 63 -19.49 8.18 -23.39
C ARG B 63 -19.79 7.50 -22.06
N ALA B 64 -18.90 6.62 -21.62
CA ALA B 64 -19.12 5.96 -20.32
C ALA B 64 -19.16 6.97 -19.19
N ARG B 65 -18.26 7.97 -19.20
CA ARG B 65 -18.27 8.96 -18.13
C ARG B 65 -19.51 9.84 -18.17
N ALA B 66 -20.00 10.18 -19.37
CA ALA B 66 -21.15 11.06 -19.48
C ALA B 66 -22.38 10.45 -18.83
N LYS B 67 -22.47 9.13 -18.73
CA LYS B 67 -23.59 8.51 -18.03
C LYS B 67 -23.25 8.09 -16.61
N GLY B 68 -22.05 8.41 -16.14
CA GLY B 68 -21.73 8.27 -14.73
C GLY B 68 -20.80 7.14 -14.36
N VAL B 69 -20.15 6.47 -15.31
CA VAL B 69 -19.15 5.45 -15.01
C VAL B 69 -17.84 6.13 -14.65
N THR B 70 -17.19 5.67 -13.57
CA THR B 70 -15.90 6.23 -13.16
C THR B 70 -14.78 5.52 -13.91
N ILE B 71 -13.84 6.28 -14.47
CA ILE B 71 -12.78 5.74 -15.32
CA ILE B 71 -12.78 5.71 -15.30
C ILE B 71 -11.43 6.01 -14.65
N ILE B 72 -10.71 4.95 -14.30
CA ILE B 72 -9.33 5.05 -13.82
C ILE B 72 -8.46 4.50 -14.94
N LEU B 73 -7.56 5.32 -15.47
CA LEU B 73 -6.54 4.80 -16.37
C LEU B 73 -5.44 4.20 -15.53
N VAL B 74 -5.12 2.92 -15.76
CA VAL B 74 -4.18 2.17 -14.93
C VAL B 74 -3.07 1.71 -15.86
N THR B 75 -1.86 2.22 -15.64
CA THR B 75 -0.75 2.03 -16.59
C THR B 75 0.49 1.57 -15.86
N ASN B 76 1.26 0.69 -16.50
CA ASN B 76 2.53 0.25 -15.93
C ASN B 76 3.69 1.23 -16.15
N SER B 77 3.45 2.44 -16.63
CA SER B 77 4.49 3.43 -16.73
C SER B 77 5.19 3.58 -15.38
N PRO B 78 6.52 3.69 -15.36
CA PRO B 78 7.25 3.93 -14.11
C PRO B 78 7.22 5.39 -13.69
N ARG B 79 6.63 6.28 -14.51
CA ARG B 79 6.57 7.70 -14.16
C ARG B 79 5.42 7.96 -13.20
N PRO B 80 5.63 8.76 -12.16
CA PRO B 80 4.48 9.29 -11.42
C PRO B 80 3.47 9.97 -12.33
N HIS B 81 2.23 9.96 -11.90
CA HIS B 81 1.11 10.38 -12.75
C HIS B 81 1.23 11.75 -13.43
N PRO B 82 1.80 12.81 -12.83
CA PRO B 82 1.82 14.09 -13.56
C PRO B 82 2.45 14.00 -14.94
N GLY B 83 3.54 13.24 -15.07
CA GLY B 83 4.17 13.10 -16.37
C GLY B 83 3.30 12.36 -17.35
N VAL B 84 2.58 11.34 -16.89
CA VAL B 84 1.68 10.59 -17.76
C VAL B 84 0.51 11.47 -18.21
N VAL B 85 -0.05 12.27 -17.30
CA VAL B 85 -1.12 13.19 -17.65
C VAL B 85 -0.69 14.11 -18.80
N ALA B 86 0.52 14.65 -18.70
CA ALA B 86 1.02 15.54 -19.74
C ALA B 86 1.30 14.81 -21.05
N GLN B 87 1.89 13.60 -20.97
CA GLN B 87 2.11 12.81 -22.18
C GLN B 87 0.80 12.57 -22.91
N MET B 88 -0.24 12.16 -22.17
CA MET B 88 -1.51 11.82 -22.79
C MET B 88 -2.16 13.05 -23.39
N SER B 89 -2.14 14.18 -22.68
CA SER B 89 -2.83 15.36 -23.19
C SER B 89 -2.15 15.86 -24.47
N LEU B 90 -0.81 15.79 -24.53
CA LEU B 90 -0.09 16.22 -25.73
C LEU B 90 -0.36 15.29 -26.92
N LEU B 91 -0.80 14.05 -26.66
CA LEU B 91 -1.23 13.11 -27.69
C LEU B 91 -2.71 13.25 -28.04
N GLY B 92 -3.42 14.17 -27.40
CA GLY B 92 -4.80 14.44 -27.75
C GLY B 92 -5.85 13.81 -26.87
N VAL B 93 -5.46 13.18 -25.76
CA VAL B 93 -6.42 12.60 -24.83
C VAL B 93 -7.07 13.75 -24.07
N PRO B 94 -8.38 13.94 -24.13
CA PRO B 94 -9.03 15.04 -23.42
C PRO B 94 -9.26 14.70 -21.96
N GLU B 95 -9.37 15.77 -21.16
CA GLU B 95 -9.54 15.63 -19.72
C GLU B 95 -10.81 14.87 -19.36
N ASN B 96 -11.86 15.00 -20.17
CA ASN B 96 -13.14 14.37 -19.86
C ASN B 96 -13.21 12.92 -20.28
N ALA B 97 -12.10 12.32 -20.70
CA ALA B 97 -12.08 10.89 -20.99
C ALA B 97 -11.76 10.04 -19.76
N TYR B 98 -11.35 10.64 -18.65
CA TYR B 98 -10.99 9.83 -17.49
C TYR B 98 -11.14 10.64 -16.21
N ASP B 99 -11.23 9.92 -15.09
CA ASP B 99 -11.30 10.58 -13.80
C ASP B 99 -9.94 10.72 -13.16
N ARG B 100 -9.14 9.64 -13.19
CA ARG B 100 -7.80 9.67 -12.60
C ARG B 100 -6.91 8.72 -13.36
N VAL B 101 -5.59 8.95 -13.27
CA VAL B 101 -4.56 8.05 -13.76
CA VAL B 101 -4.61 8.00 -13.74
C VAL B 101 -3.80 7.50 -12.56
N VAL B 102 -3.61 6.19 -12.50
CA VAL B 102 -2.79 5.54 -11.47
C VAL B 102 -1.69 4.81 -12.21
N THR B 103 -0.42 5.09 -11.86
CA THR B 103 0.70 4.48 -12.56
C THR B 103 1.43 3.49 -11.66
N SER B 104 2.12 2.57 -12.32
CA SER B 104 3.01 1.68 -11.57
C SER B 104 4.05 2.49 -10.79
N GLY B 105 4.60 3.56 -11.40
CA GLY B 105 5.51 4.43 -10.68
C GLY B 105 4.92 4.98 -9.39
N ASP B 106 3.67 5.48 -9.46
CA ASP B 106 2.99 5.98 -8.26
C ASP B 106 3.03 4.94 -7.15
N VAL B 107 2.63 3.71 -7.47
CA VAL B 107 2.45 2.70 -6.43
C VAL B 107 3.74 2.01 -6.02
N THR B 108 4.79 2.11 -6.83
CA THR B 108 6.09 1.51 -6.50
C THR B 108 6.88 2.38 -5.54
N ARG B 109 6.44 3.62 -5.31
CA ARG B 109 7.15 4.49 -4.39
C ARG B 109 7.22 3.92 -2.98
N ASP B 110 6.20 3.14 -2.56
CA ASP B 110 6.26 2.56 -1.22
C ASP B 110 7.37 1.52 -1.09
N LEU B 111 7.51 0.63 -2.08
CA LEU B 111 8.63 -0.30 -2.05
C LEU B 111 9.96 0.45 -2.00
N ILE B 112 10.10 1.50 -2.81
CA ILE B 112 11.35 2.27 -2.84
C ILE B 112 11.64 2.89 -1.47
N ALA B 113 10.61 3.47 -0.85
CA ALA B 113 10.76 4.14 0.45
C ALA B 113 11.05 3.14 1.56
N GLU B 114 10.45 1.94 1.49
CA GLU B 114 10.63 0.94 2.54
C GLU B 114 11.90 0.10 2.36
N GLY B 115 12.45 0.06 1.16
CA GLY B 115 13.65 -0.71 0.90
C GLY B 115 14.90 0.01 1.34
N PRO B 116 16.06 -0.53 0.95
CA PRO B 116 17.33 0.12 1.31
C PRO B 116 17.39 1.55 0.82
N ARG B 117 17.99 2.40 1.65
CA ARG B 117 18.17 3.81 1.38
C ARG B 117 19.19 4.06 0.27
N ARG B 118 20.26 3.27 0.22
CA ARG B 118 21.34 3.46 -0.75
C ARG B 118 21.03 2.59 -1.96
N ILE B 119 20.56 3.24 -3.03
CA ILE B 119 19.96 2.59 -4.19
C ILE B 119 20.85 2.76 -5.40
N PHE B 120 20.94 1.70 -6.20
CA PHE B 120 21.50 1.75 -7.54
C PHE B 120 20.33 1.89 -8.52
N HIS B 121 20.24 3.03 -9.18
CA HIS B 121 19.17 3.31 -10.14
C HIS B 121 19.53 2.78 -11.52
N ILE B 122 18.61 2.02 -12.13
CA ILE B 122 18.72 1.60 -13.52
C ILE B 122 17.54 2.22 -14.23
N GLY B 123 17.81 3.17 -15.13
CA GLY B 123 16.75 3.89 -15.81
C GLY B 123 17.30 5.20 -16.33
N CYS B 124 16.42 5.93 -17.03
CA CYS B 124 16.85 7.17 -17.65
C CYS B 124 16.71 8.35 -16.68
N GLU B 125 17.19 9.52 -17.10
CA GLU B 125 17.18 10.71 -16.25
C GLU B 125 15.76 11.17 -15.93
N ARG B 126 14.85 11.16 -16.92
CA ARG B 126 13.50 11.61 -16.60
C ARG B 126 12.81 10.70 -15.60
N GLU B 127 13.20 9.42 -15.56
CA GLU B 127 12.60 8.48 -14.62
C GLU B 127 13.04 8.73 -13.18
N LEU B 128 13.97 9.64 -12.95
CA LEU B 128 14.35 10.01 -11.58
C LEU B 128 13.21 10.68 -10.83
N ALA B 129 12.16 11.13 -11.54
CA ALA B 129 10.99 11.68 -10.88
C ALA B 129 10.39 10.74 -9.85
N ILE B 130 10.59 9.42 -10.02
CA ILE B 130 10.02 8.46 -9.07
C ILE B 130 10.55 8.65 -7.65
N TYR B 131 11.74 9.26 -7.50
CA TYR B 131 12.34 9.42 -6.18
C TYR B 131 12.00 10.75 -5.52
N ASP B 132 11.26 11.63 -6.20
CA ASP B 132 10.97 12.95 -5.65
C ASP B 132 10.31 12.80 -4.28
N GLY B 133 10.83 13.51 -3.30
CA GLY B 133 10.25 13.50 -1.97
C GLY B 133 10.56 12.27 -1.15
N LEU B 134 11.29 11.30 -1.69
CA LEU B 134 11.67 10.10 -0.96
C LEU B 134 13.07 10.25 -0.36
N ASP B 135 13.27 9.61 0.79
CA ASP B 135 14.51 9.78 1.55
C ASP B 135 15.51 8.69 1.13
N VAL B 136 16.03 8.85 -0.08
CA VAL B 136 16.92 7.87 -0.67
C VAL B 136 18.18 8.57 -1.15
N GLU B 137 19.21 7.77 -1.40
CA GLU B 137 20.48 8.26 -1.92
C GLU B 137 20.84 7.39 -3.10
N LEU B 138 20.92 7.99 -4.29
CA LEU B 138 21.29 7.24 -5.48
C LEU B 138 22.80 7.16 -5.57
N VAL B 139 23.34 5.95 -5.58
CA VAL B 139 24.76 5.73 -5.44
C VAL B 139 25.27 4.80 -6.55
N GLU B 140 26.58 4.62 -6.58
CA GLU B 140 27.17 3.70 -7.54
C GLU B 140 26.85 2.25 -7.16
N GLU B 141 27.03 1.36 -8.14
CA GLU B 141 26.72 -0.06 -7.96
C GLU B 141 27.37 -0.63 -6.70
N PHE B 142 28.66 -0.37 -6.50
CA PHE B 142 29.38 -0.95 -5.38
C PHE B 142 28.99 -0.34 -4.04
N GLU B 143 28.35 0.83 -4.05
CA GLU B 143 27.92 1.55 -2.87
C GLU B 143 26.50 1.20 -2.44
N ALA B 144 25.75 0.49 -3.28
CA ALA B 144 24.32 0.30 -3.07
C ALA B 144 24.04 -0.93 -2.23
N ALA B 145 22.85 -0.94 -1.64
CA ALA B 145 22.30 -2.12 -0.98
C ALA B 145 20.99 -2.59 -1.59
N GLY B 146 20.48 -1.90 -2.61
CA GLY B 146 19.29 -2.32 -3.32
C GLY B 146 19.32 -1.70 -4.69
N VAL B 147 18.47 -2.24 -5.57
CA VAL B 147 18.35 -1.77 -6.94
C VAL B 147 16.92 -1.30 -7.16
N VAL B 148 16.78 -0.18 -7.87
CA VAL B 148 15.48 0.24 -8.40
C VAL B 148 15.61 0.39 -9.90
N CYS B 149 14.76 -0.32 -10.64
CA CYS B 149 14.81 -0.28 -12.09
C CYS B 149 13.52 0.32 -12.63
N THR B 150 13.63 1.52 -13.21
CA THR B 150 12.51 2.14 -13.90
C THR B 150 12.51 1.86 -15.40
N GLY B 151 13.63 1.44 -15.96
CA GLY B 151 13.75 1.18 -17.39
C GLY B 151 15.20 0.99 -17.76
N LEU B 152 15.48 0.93 -19.05
CA LEU B 152 16.87 0.89 -19.49
C LEU B 152 17.48 2.28 -19.45
N TYR B 153 18.82 2.35 -19.30
CA TYR B 153 19.46 3.67 -19.32
C TYR B 153 19.23 4.40 -20.64
N ASP B 154 19.27 3.69 -21.77
CA ASP B 154 19.04 4.31 -23.07
C ASP B 154 18.32 3.30 -23.96
N ASP B 155 17.00 3.32 -23.89
CA ASP B 155 16.24 2.30 -24.60
C ASP B 155 16.16 2.51 -26.10
N GLU B 156 16.76 3.57 -26.64
CA GLU B 156 16.83 3.70 -28.09
C GLU B 156 17.91 2.80 -28.67
N VAL B 157 18.94 2.47 -27.90
CA VAL B 157 20.10 1.76 -28.43
C VAL B 157 20.47 0.51 -27.63
N GLU B 158 19.89 0.34 -26.45
CA GLU B 158 20.26 -0.79 -25.61
C GLU B 158 19.21 -1.89 -25.64
N THR B 159 19.64 -3.08 -25.22
CA THR B 159 18.75 -4.23 -25.11
C THR B 159 19.15 -4.97 -23.85
N PRO B 160 18.36 -5.96 -23.40
CA PRO B 160 18.73 -6.69 -22.19
C PRO B 160 20.08 -7.39 -22.28
N GLU B 161 20.58 -7.65 -23.50
CA GLU B 161 21.89 -8.29 -23.61
C GLU B 161 22.98 -7.41 -23.02
N ASP B 162 22.81 -6.09 -23.07
CA ASP B 162 23.78 -5.17 -22.52
C ASP B 162 23.87 -5.23 -21.01
N TYR B 163 22.89 -5.86 -20.34
CA TYR B 163 22.78 -5.85 -18.89
C TYR B 163 23.18 -7.17 -18.25
N ARG B 164 23.62 -8.15 -19.04
CA ARG B 164 23.83 -9.50 -18.50
C ARG B 164 24.90 -9.51 -17.41
N GLU B 165 26.03 -8.82 -17.64
CA GLU B 165 27.10 -8.85 -16.64
C GLU B 165 26.69 -8.09 -15.39
N LEU B 166 26.03 -6.94 -15.57
CA LEU B 166 25.55 -6.16 -14.43
C LEU B 166 24.56 -6.98 -13.60
N LEU B 167 23.58 -7.63 -14.24
CA LEU B 167 22.61 -8.43 -13.50
C LEU B 167 23.29 -9.59 -12.76
N GLN B 168 24.31 -10.20 -13.38
CA GLN B 168 25.04 -11.27 -12.72
CA GLN B 168 25.06 -11.27 -12.72
C GLN B 168 25.70 -10.77 -11.44
N ARG B 169 26.33 -9.60 -11.49
CA ARG B 169 26.96 -9.05 -10.29
C ARG B 169 25.93 -8.74 -9.22
N LEU B 170 24.83 -8.08 -9.59
CA LEU B 170 23.82 -7.75 -8.60
C LEU B 170 23.22 -9.00 -7.99
N ARG B 171 22.96 -10.02 -8.81
CA ARG B 171 22.39 -11.26 -8.28
CA ARG B 171 22.40 -11.28 -8.31
C ARG B 171 23.36 -11.95 -7.33
N SER B 172 24.65 -11.91 -7.64
CA SER B 172 25.63 -12.59 -6.77
C SER B 172 25.59 -12.01 -5.37
N ARG B 173 25.23 -10.73 -5.24
CA ARG B 173 25.08 -10.08 -3.94
C ARG B 173 23.70 -10.24 -3.33
N ASN B 174 22.78 -10.89 -4.04
CA ASN B 174 21.40 -11.10 -3.59
C ASN B 174 20.71 -9.77 -3.28
N LEU B 175 20.97 -8.74 -4.10
CA LEU B 175 20.31 -7.46 -3.86
C LEU B 175 18.82 -7.55 -4.21
N PRO B 176 17.95 -6.90 -3.45
CA PRO B 176 16.55 -6.78 -3.89
C PRO B 176 16.48 -5.89 -5.11
N PHE B 177 15.62 -6.27 -6.04
CA PHE B 177 15.48 -5.58 -7.32
C PHE B 177 14.04 -5.11 -7.41
N ILE B 178 13.82 -3.82 -7.17
CA ILE B 178 12.48 -3.24 -7.28
C ILE B 178 12.26 -2.83 -8.73
N CYS B 179 11.22 -3.38 -9.36
CA CYS B 179 10.95 -3.08 -10.76
C CYS B 179 9.71 -2.19 -10.82
N ALA B 180 9.89 -0.97 -11.35
CA ALA B 180 8.81 0.00 -11.39
C ALA B 180 7.92 -0.11 -12.63
N ASN B 181 8.23 -1.00 -13.58
CA ASN B 181 7.40 -1.20 -14.77
C ASN B 181 7.52 -2.65 -15.17
N PRO B 182 6.53 -3.49 -14.80
CA PRO B 182 6.60 -4.92 -15.12
C PRO B 182 6.51 -5.26 -16.60
N ASP B 183 6.11 -4.34 -17.47
CA ASP B 183 6.00 -4.67 -18.90
C ASP B 183 7.36 -5.10 -19.44
N ILE B 184 7.36 -6.05 -20.38
CA ILE B 184 8.60 -6.47 -21.03
C ILE B 184 9.00 -5.48 -22.11
N MET B 185 8.05 -5.12 -22.98
CA MET B 185 8.25 -4.15 -24.03
C MET B 185 7.03 -3.25 -24.09
N VAL B 186 7.15 -2.17 -24.86
CA VAL B 186 6.03 -1.30 -25.17
C VAL B 186 6.15 -0.93 -26.65
N GLU B 187 5.02 -0.76 -27.32
CA GLU B 187 5.05 -0.34 -28.71
C GLU B 187 4.86 1.17 -28.81
N ARG B 188 5.87 1.86 -29.31
CA ARG B 188 5.76 3.30 -29.55
C ARG B 188 5.70 3.50 -31.05
N GLY B 189 4.54 3.86 -31.56
CA GLY B 189 4.34 3.89 -32.99
C GLY B 189 4.70 2.53 -33.55
N PRO B 190 5.60 2.50 -34.54
CA PRO B 190 5.98 1.24 -35.16
C PRO B 190 7.15 0.53 -34.50
N ARG B 191 7.62 1.02 -33.35
CA ARG B 191 8.83 0.50 -32.74
CA ARG B 191 8.84 0.53 -32.71
C ARG B 191 8.51 -0.22 -31.44
N LEU B 192 9.08 -1.41 -31.25
CA LEU B 192 9.06 -2.09 -29.96
C LEU B 192 10.26 -1.65 -29.13
N ILE B 193 10.01 -1.21 -27.90
CA ILE B 193 11.03 -0.68 -27.00
C ILE B 193 11.07 -1.54 -25.74
N TRP B 194 12.27 -1.92 -25.30
CA TRP B 194 12.44 -2.70 -24.08
C TRP B 194 12.13 -1.85 -22.85
N CYS B 195 11.49 -2.47 -21.86
CA CYS B 195 11.10 -1.83 -20.60
C CYS B 195 11.77 -2.49 -19.40
N ALA B 196 11.54 -1.90 -18.22
CA ALA B 196 12.16 -2.40 -16.99
C ALA B 196 11.84 -3.87 -16.75
N GLY B 197 10.62 -4.30 -17.09
CA GLY B 197 10.23 -5.67 -16.79
C GLY B 197 11.08 -6.70 -17.51
N ALA B 198 11.70 -6.32 -18.65
CA ALA B 198 12.60 -7.24 -19.32
C ALA B 198 13.84 -7.52 -18.46
N LEU B 199 14.35 -6.49 -17.79
CA LEU B 199 15.50 -6.68 -16.90
C LEU B 199 15.08 -7.44 -15.65
N ALA B 200 13.91 -7.13 -15.09
CA ALA B 200 13.42 -7.90 -13.96
C ALA B 200 13.26 -9.38 -14.30
N ARG B 201 12.74 -9.67 -15.50
CA ARG B 201 12.58 -11.06 -15.90
C ARG B 201 13.93 -11.76 -15.98
N GLU B 202 14.93 -11.10 -16.56
CA GLU B 202 16.27 -11.70 -16.62
C GLU B 202 16.85 -11.89 -15.22
N TYR B 203 16.64 -10.92 -14.33
CA TYR B 203 17.14 -11.05 -12.95
C TYR B 203 16.50 -12.25 -12.26
N GLY B 204 15.18 -12.42 -12.44
CA GLY B 204 14.50 -13.56 -11.85
C GLY B 204 14.96 -14.88 -12.41
N GLN B 205 15.29 -14.91 -13.70
CA GLN B 205 15.80 -16.14 -14.30
C GLN B 205 17.18 -16.50 -13.76
N LEU B 206 17.94 -15.53 -13.25
CA LEU B 206 19.19 -15.81 -12.55
C LEU B 206 18.97 -16.25 -11.11
N GLY B 207 17.73 -16.27 -10.63
CA GLY B 207 17.44 -16.57 -9.25
C GLY B 207 17.36 -15.37 -8.33
N GLY B 208 17.34 -14.16 -8.87
CA GLY B 208 17.30 -12.97 -8.05
C GLY B 208 15.90 -12.65 -7.58
N ARG B 209 15.85 -11.87 -6.50
CA ARG B 209 14.59 -11.47 -5.89
CA ARG B 209 14.60 -11.46 -5.88
C ARG B 209 14.10 -10.18 -6.55
N THR B 210 12.89 -10.22 -7.12
CA THR B 210 12.26 -9.03 -7.66
C THR B 210 11.02 -8.65 -6.85
N LEU B 211 10.78 -7.35 -6.77
CA LEU B 211 9.64 -6.82 -6.05
CA LEU B 211 9.65 -6.79 -6.03
C LEU B 211 8.90 -5.87 -6.97
N ILE B 212 7.61 -6.14 -7.16
CA ILE B 212 6.79 -5.43 -8.14
C ILE B 212 5.47 -5.03 -7.51
N ALA B 213 5.02 -3.81 -7.82
CA ALA B 213 3.72 -3.31 -7.38
C ALA B 213 2.75 -3.02 -8.52
N GLY B 214 3.22 -2.89 -9.77
CA GLY B 214 2.34 -2.64 -10.90
C GLY B 214 1.63 -3.91 -11.37
N LYS B 215 0.88 -3.79 -12.47
CA LYS B 215 0.09 -4.91 -12.97
C LYS B 215 1.05 -6.05 -13.34
N PRO B 216 0.75 -7.30 -12.96
CA PRO B 216 -0.55 -7.77 -12.46
C PRO B 216 -0.68 -7.86 -10.94
N HIS B 217 0.20 -7.22 -10.20
CA HIS B 217 0.18 -7.34 -8.75
CA HIS B 217 0.17 -7.36 -8.76
C HIS B 217 -0.89 -6.45 -8.11
N ARG B 218 -1.25 -6.82 -6.88
CA ARG B 218 -2.36 -6.17 -6.17
C ARG B 218 -2.22 -4.67 -5.93
N PRO B 219 -1.06 -4.09 -5.58
CA PRO B 219 -1.08 -2.69 -5.10
C PRO B 219 -1.67 -1.72 -6.08
N ILE B 220 -1.40 -1.88 -7.38
CA ILE B 220 -1.92 -0.89 -8.34
C ILE B 220 -3.45 -1.00 -8.45
N TYR B 221 -3.98 -2.22 -8.35
CA TYR B 221 -5.43 -2.41 -8.35
C TYR B 221 -6.07 -1.86 -7.09
N GLU B 222 -5.44 -2.08 -5.93
CA GLU B 222 -6.00 -1.53 -4.70
CA GLU B 222 -6.00 -1.53 -4.70
C GLU B 222 -6.02 0.00 -4.73
N ALA B 223 -4.97 0.61 -5.29
CA ALA B 223 -4.93 2.06 -5.41
C ALA B 223 -6.03 2.57 -6.34
N ALA B 224 -6.23 1.87 -7.47
CA ALA B 224 -7.30 2.26 -8.38
C ALA B 224 -8.66 2.10 -7.71
N LEU B 225 -8.84 1.02 -6.93
CA LEU B 225 -10.11 0.83 -6.22
C LEU B 225 -10.35 1.93 -5.20
N ARG B 226 -9.31 2.29 -4.43
CA ARG B 226 -9.46 3.36 -3.46
C ARG B 226 -9.83 4.67 -4.14
N ALA B 227 -9.28 4.91 -5.33
CA ALA B 227 -9.65 6.11 -6.09
C ALA B 227 -11.12 6.09 -6.48
N VAL B 228 -11.62 4.95 -6.97
CA VAL B 228 -13.04 4.85 -7.34
C VAL B 228 -13.92 5.08 -6.12
N GLU B 229 -13.56 4.48 -4.98
CA GLU B 229 -14.41 4.58 -3.81
C GLU B 229 -14.42 6.01 -3.27
N SER B 230 -13.31 6.73 -3.41
CA SER B 230 -13.27 8.14 -3.01
C SER B 230 -14.16 8.98 -3.91
N ILE B 231 -14.09 8.74 -5.22
CA ILE B 231 -14.88 9.50 -6.18
C ILE B 231 -16.36 9.20 -6.02
N ARG B 232 -16.70 7.93 -5.87
CA ARG B 232 -18.11 7.52 -5.86
C ARG B 232 -18.73 7.60 -4.47
N GLY B 233 -17.93 7.78 -3.42
CA GLY B 233 -18.44 8.06 -2.09
C GLY B 233 -18.83 6.85 -1.26
N GLY B 234 -18.37 5.66 -1.62
CA GLY B 234 -18.68 4.47 -0.88
C GLY B 234 -18.00 3.27 -1.51
N SER B 235 -18.21 2.10 -0.90
CA SER B 235 -17.58 0.90 -1.42
C SER B 235 -18.18 0.49 -2.76
N VAL B 236 -17.34 -0.14 -3.58
CA VAL B 236 -17.73 -0.60 -4.90
C VAL B 236 -17.34 -2.07 -5.01
N ASP B 237 -18.34 -2.92 -5.28
CA ASP B 237 -18.07 -4.34 -5.40
C ASP B 237 -17.25 -4.63 -6.64
N LYS B 238 -16.35 -5.61 -6.54
CA LYS B 238 -15.53 -5.99 -7.67
C LYS B 238 -16.35 -6.44 -8.86
N SER B 239 -17.54 -6.96 -8.62
CA SER B 239 -18.41 -7.37 -9.72
C SER B 239 -18.84 -6.19 -10.58
N ARG B 240 -18.68 -4.96 -10.10
CA ARG B 240 -19.11 -3.78 -10.83
C ARG B 240 -17.94 -3.01 -11.47
N ILE B 241 -16.76 -3.61 -11.55
CA ILE B 241 -15.59 -2.96 -12.15
C ILE B 241 -15.10 -3.82 -13.31
N LEU B 242 -14.90 -3.19 -14.47
CA LEU B 242 -14.38 -3.85 -15.67
C LEU B 242 -12.92 -3.45 -15.88
N GLY B 243 -12.04 -4.44 -16.03
CA GLY B 243 -10.67 -4.17 -16.44
C GLY B 243 -10.52 -4.31 -17.95
N ILE B 244 -9.80 -3.38 -18.56
CA ILE B 244 -9.61 -3.39 -20.02
C ILE B 244 -8.11 -3.30 -20.31
N GLY B 245 -7.59 -4.15 -21.19
CA GLY B 245 -6.20 -3.95 -21.60
C GLY B 245 -5.77 -4.97 -22.63
N ASP B 246 -4.57 -4.73 -23.20
CA ASP B 246 -4.04 -5.58 -24.26
C ASP B 246 -2.92 -6.52 -23.80
N GLY B 247 -2.58 -6.52 -22.51
CA GLY B 247 -1.55 -7.42 -22.00
C GLY B 247 -2.15 -8.60 -21.27
N VAL B 248 -1.84 -9.81 -21.74
CA VAL B 248 -2.38 -11.01 -21.09
C VAL B 248 -1.80 -11.19 -19.70
N LEU B 249 -0.49 -10.99 -19.55
CA LEU B 249 0.19 -11.25 -18.28
C LEU B 249 0.23 -10.03 -17.37
N THR B 250 -0.30 -8.90 -17.82
CA THR B 250 -0.43 -7.70 -17.00
C THR B 250 -1.90 -7.37 -16.80
N ASP B 251 -2.60 -6.89 -17.84
CA ASP B 251 -3.99 -6.44 -17.70
C ASP B 251 -4.95 -7.60 -17.43
N VAL B 252 -4.84 -8.68 -18.20
CA VAL B 252 -5.80 -9.77 -18.05
C VAL B 252 -5.55 -10.52 -16.75
N LYS B 253 -4.32 -10.97 -16.54
CA LYS B 253 -3.98 -11.64 -15.28
C LYS B 253 -4.24 -10.74 -14.08
N GLY B 254 -3.92 -9.45 -14.20
CA GLY B 254 -4.11 -8.56 -13.07
C GLY B 254 -5.56 -8.41 -12.69
N ALA B 255 -6.41 -8.16 -13.69
CA ALA B 255 -7.84 -8.05 -13.42
C ALA B 255 -8.41 -9.34 -12.88
N ALA B 256 -8.02 -10.48 -13.48
CA ALA B 256 -8.54 -11.76 -13.02
C ALA B 256 -8.14 -12.05 -11.58
N ASP B 257 -6.86 -11.83 -11.25
CA ASP B 257 -6.40 -12.12 -9.90
C ASP B 257 -7.04 -11.20 -8.88
N PHE B 258 -7.37 -9.97 -9.28
CA PHE B 258 -8.04 -9.04 -8.40
C PHE B 258 -9.54 -9.30 -8.33
N GLY B 259 -10.08 -10.19 -9.17
CA GLY B 259 -11.50 -10.53 -9.10
C GLY B 259 -12.39 -9.70 -9.99
N LEU B 260 -11.85 -9.07 -11.03
CA LEU B 260 -12.64 -8.25 -11.95
C LEU B 260 -12.94 -9.02 -13.23
N ASP B 261 -14.06 -8.68 -13.84
CA ASP B 261 -14.31 -9.05 -15.22
C ASP B 261 -13.31 -8.35 -16.13
N VAL B 262 -13.04 -8.95 -17.28
CA VAL B 262 -11.95 -8.54 -18.16
C VAL B 262 -12.47 -8.34 -19.58
N LEU B 263 -12.04 -7.23 -20.20
CA LEU B 263 -12.19 -7.01 -21.64
C LEU B 263 -10.79 -6.95 -22.21
N TYR B 264 -10.44 -7.93 -23.04
CA TYR B 264 -9.11 -8.02 -23.64
C TYR B 264 -9.14 -7.30 -24.97
N ILE B 265 -8.16 -6.43 -25.20
CA ILE B 265 -8.01 -5.73 -26.46
C ILE B 265 -7.04 -6.57 -27.29
N SER B 266 -7.57 -7.20 -28.34
CA SER B 266 -6.88 -8.31 -29.01
C SER B 266 -6.02 -7.87 -30.20
N GLY B 267 -6.21 -6.66 -30.71
CA GLY B 267 -5.36 -6.19 -31.79
C GLY B 267 -3.98 -5.77 -31.31
N GLY B 268 -3.09 -5.52 -32.26
CA GLY B 268 -1.75 -5.07 -31.93
C GLY B 268 -0.81 -6.22 -31.66
N VAL B 269 0.34 -5.87 -31.08
CA VAL B 269 1.43 -6.82 -30.86
C VAL B 269 1.58 -7.25 -29.41
N HIS B 270 0.76 -6.74 -28.50
CA HIS B 270 0.76 -7.17 -27.10
C HIS B 270 2.16 -7.08 -26.50
N ALA B 271 2.71 -5.86 -26.58
CA ALA B 271 4.11 -5.65 -26.27
C ALA B 271 4.45 -6.03 -24.84
N ALA B 272 3.50 -5.84 -23.90
CA ALA B 272 3.84 -6.10 -22.49
C ALA B 272 4.16 -7.55 -22.22
N ASP B 273 3.69 -8.45 -23.09
CA ASP B 273 3.86 -9.90 -22.98
C ASP B 273 5.02 -10.44 -23.80
N TYR B 274 5.72 -9.58 -24.54
CA TYR B 274 6.70 -9.98 -25.53
C TYR B 274 7.62 -11.08 -25.01
N ALA B 275 7.85 -12.08 -25.86
CA ALA B 275 8.81 -13.15 -25.61
C ALA B 275 9.40 -13.69 -26.92
N PRO B 296 -7.68 14.96 -33.21
CA PRO B 296 -7.19 15.19 -31.84
C PRO B 296 -6.30 16.41 -31.82
N ILE B 297 -6.46 17.24 -30.80
CA ILE B 297 -5.67 18.45 -30.65
C ILE B 297 -4.76 18.29 -29.46
N ALA B 298 -3.47 18.64 -29.64
CA ALA B 298 -2.52 18.55 -28.54
C ALA B 298 -2.90 19.56 -27.48
N SER B 299 -2.85 19.15 -26.22
CA SER B 299 -3.28 20.02 -25.15
CA SER B 299 -3.31 19.99 -25.14
C SER B 299 -2.41 19.83 -23.92
N LEU B 300 -2.46 20.83 -23.06
CA LEU B 300 -1.90 20.78 -21.72
C LEU B 300 -2.87 21.51 -20.82
N HIS B 301 -3.04 21.00 -19.60
CA HIS B 301 -3.95 21.65 -18.65
C HIS B 301 -3.55 23.10 -18.41
N ALA B 302 -2.26 23.33 -18.19
CA ALA B 302 -1.65 24.63 -18.04
C ALA B 302 -0.31 24.62 -18.77
N LEU B 303 0.14 25.79 -19.21
CA LEU B 303 1.41 25.82 -19.94
C LEU B 303 2.56 25.54 -18.99
N VAL B 304 3.34 24.52 -19.33
CA VAL B 304 4.51 24.11 -18.55
C VAL B 304 5.59 23.73 -19.55
C1 EDO C . 4.50 -0.76 14.17
O1 EDO C . 5.18 0.50 14.05
C2 EDO C . 3.39 -0.66 15.21
O2 EDO C . 3.92 -0.37 16.53
C1 EDO D . -10.29 10.18 20.02
O1 EDO D . -11.55 10.52 19.43
C2 EDO D . -10.48 9.32 21.25
O2 EDO D . -9.20 9.07 21.86
C1 EDO E . 7.68 3.40 14.46
O1 EDO E . 7.23 4.67 14.94
C2 EDO E . 7.60 2.38 15.58
O2 EDO E . 6.24 2.13 15.91
C1 EDO F . 15.66 3.24 21.59
O1 EDO F . 15.62 4.14 22.72
C2 EDO F . 14.34 2.49 21.52
O2 EDO F . 13.30 3.34 20.96
P PO4 G . 0.77 -4.24 15.64
O1 PO4 G . 1.06 -5.39 16.61
O2 PO4 G . 1.03 -4.66 14.21
O3 PO4 G . 1.88 -3.25 16.10
O4 PO4 G . -0.58 -3.64 15.91
NA NA H . 1.63 -7.24 18.11
C1 EDO I . 5.68 2.64 -21.00
O1 EDO I . 6.62 2.99 -19.97
C2 EDO I . 4.84 1.46 -20.50
O2 EDO I . 5.56 0.24 -20.57
C1 EDO J . 5.41 -8.17 -4.32
O1 EDO J . 5.82 -6.79 -4.32
C2 EDO J . 6.55 -9.01 -4.89
O2 EDO J . 6.72 -8.73 -6.28
P PO4 K . 0.54 0.16 -20.12
O1 PO4 K . 2.02 0.16 -20.44
O2 PO4 K . 0.32 -0.63 -18.83
O3 PO4 K . -0.01 1.58 -20.19
O4 PO4 K . -0.09 -0.63 -21.23
NA NA L . -0.92 -1.97 -22.97
NA NA M . 14.50 3.65 1.11
#